data_5E5S
#
_entry.id   5E5S
#
_cell.length_a   59.589
_cell.length_b   68.199
_cell.length_c   97.652
_cell.angle_alpha   90.00
_cell.angle_beta   90.00
_cell.angle_gamma   90.00
#
_symmetry.space_group_name_H-M   'P 21 21 21'
#
loop_
_entity.id
_entity.type
_entity.pdbx_description
1 polymer 'I-SmaMI LAGLIDADG meganuclease'
2 polymer 'Bottom strand DNA'
3 polymer 'Top strand DNA left site'
4 polymer "DNA (5'-D(P*CP*AP*GP*GP*TP*GP*TP*AP*CP*G)-3')"
5 non-polymer 'MAGNESIUM ION'
6 non-polymer 2-(2-METHOXYETHOXY)ETHANOL
7 water water
#
loop_
_entity_poly.entity_id
_entity_poly.type
_entity_poly.pdbx_seq_one_letter_code
_entity_poly.pdbx_strand_id
1 'polypeptide(L)'
;SKGENSKLNPWAVVGFIDAEGSFMVRVRKNSKYKTGWLVVAIFSVTVDKKDLFLLESLKTFFGGLGSIKKSGNSTFSYRI
ESSEQLTKIILPFFDKYSLITEALGDYLLFKKVLELMGTKEHLTQRGLEKIVSLKASINKGLSEELQAAFPQCVPTPRPE
INNKNIPDPFWLAGFVSGDGSFKSILKKSESIKVGFQSILVFQITQHARDVKLMESLISYLGCGFIEKDSRGPWLYYTVT
NFSDIQGKIIPFFHQYKIIGSKYGDYQDWCKIALIMQNKNHLTPEGLNEIRALKGGMNKGRL
;
A
2 'polydeoxyribonucleotide'
;(DC)(DG)(DT)(DA)(DC)(DA)(DC)(DC)(DT)(DG)(DA)(DT)(DA)(DA)(DT)(DG)(DG)(DA)(DG)(DG)
(DA)(DT)(DA)(DC)(DC)
;
B
3 'polydeoxyribonucleotide' (DG)(DG)(DT)(DA)(DT)(DC)(DC)(DT)(DC)(DC)(DA)(DT)(DT)(DA)(DT) C
4 'polydeoxyribonucleotide' (DC)(DA)(DG)(DG)(DT)(DG)(DT)(DA)(DC)(DG) D
#
# COMPACT_ATOMS: atom_id res chain seq x y z
N GLU A 4 1.45 -7.62 -17.31
CA GLU A 4 0.41 -7.66 -16.24
C GLU A 4 0.37 -9.01 -15.48
N ASN A 5 0.28 -8.94 -14.14
CA ASN A 5 0.34 -10.09 -13.21
C ASN A 5 -0.78 -9.98 -12.15
N SER A 6 -1.61 -11.01 -12.00
CA SER A 6 -2.73 -11.01 -11.04
C SER A 6 -2.89 -12.33 -10.25
N LYS A 7 -1.78 -13.05 -10.06
CA LYS A 7 -1.76 -14.25 -9.25
C LYS A 7 -1.58 -13.79 -7.84
N LEU A 8 -2.41 -14.28 -6.94
CA LEU A 8 -2.53 -13.71 -5.62
C LEU A 8 -2.20 -14.76 -4.60
N ASN A 9 -1.42 -14.32 -3.64
CA ASN A 9 -0.86 -15.13 -2.60
C ASN A 9 -1.31 -14.37 -1.34
N PRO A 10 -1.54 -15.06 -0.21
CA PRO A 10 -2.01 -14.32 0.97
C PRO A 10 -1.10 -13.22 1.44
N TRP A 11 0.20 -13.52 1.52
CA TRP A 11 1.14 -12.55 1.99
C TRP A 11 1.28 -11.34 1.06
N ALA A 12 1.13 -11.58 -0.22
CA ALA A 12 1.20 -10.53 -1.23
C ALA A 12 0.00 -9.58 -1.05
N VAL A 13 -1.15 -10.18 -0.83
CA VAL A 13 -2.34 -9.40 -0.59
C VAL A 13 -2.09 -8.52 0.63
N VAL A 14 -1.60 -9.12 1.73
CA VAL A 14 -1.35 -8.31 2.93
C VAL A 14 -0.38 -7.15 2.67
N GLY A 15 0.69 -7.41 1.94
CA GLY A 15 1.64 -6.36 1.56
C GLY A 15 0.97 -5.26 0.76
N PHE A 16 0.21 -5.68 -0.24
CA PHE A 16 -0.57 -4.78 -1.03
C PHE A 16 -1.56 -3.93 -0.23
N ILE A 17 -2.21 -4.54 0.76
CA ILE A 17 -3.15 -3.84 1.60
C ILE A 17 -2.43 -2.93 2.57
N ASP A 18 -1.31 -3.40 3.13
CA ASP A 18 -0.46 -2.47 3.89
C ASP A 18 -0.07 -1.20 3.05
N ALA A 19 0.18 -1.38 1.76
CA ALA A 19 0.53 -0.25 0.88
C ALA A 19 -0.66 0.67 0.56
N GLU A 20 -1.81 0.08 0.21
CA GLU A 20 -2.90 0.74 -0.49
C GLU A 20 -4.28 0.72 0.19
N GLY A 21 -4.46 0.00 1.28
CA GLY A 21 -5.84 -0.24 1.74
C GLY A 21 -6.26 0.75 2.78
N SER A 22 -7.56 0.93 3.01
CA SER A 22 -8.02 1.71 4.16
C SER A 22 -9.10 0.96 4.92
N PHE A 23 -8.99 1.04 6.23
CA PHE A 23 -10.03 0.57 7.13
C PHE A 23 -10.74 1.77 7.75
N MET A 24 -12.01 1.95 7.38
CA MET A 24 -12.72 3.16 7.71
C MET A 24 -13.95 2.84 8.54
N VAL A 25 -14.28 3.76 9.44
CA VAL A 25 -15.54 3.74 10.16
C VAL A 25 -16.22 5.07 9.92
N ARG A 26 -17.47 5.04 9.47
CA ARG A 26 -18.29 6.22 9.27
C ARG A 26 -19.41 6.20 10.31
N VAL A 27 -19.65 7.37 10.90
CA VAL A 27 -20.78 7.52 11.82
C VAL A 27 -21.49 8.81 11.41
N ARG A 28 -22.62 8.58 10.73
CA ARG A 28 -23.40 9.58 10.07
C ARG A 28 -24.64 9.88 10.91
N LYS A 29 -24.94 11.16 11.02
CA LYS A 29 -26.09 11.63 11.76
C LYS A 29 -27.34 11.36 10.91
N ASN A 30 -28.36 10.80 11.55
CA ASN A 30 -29.60 10.52 10.85
C ASN A 30 -30.66 10.18 11.88
N SER A 31 -31.64 11.09 11.97
CA SER A 31 -32.79 11.02 12.93
C SER A 31 -33.62 9.73 12.94
N LYS A 32 -33.61 9.01 11.83
CA LYS A 32 -34.34 7.72 11.70
C LYS A 32 -33.78 6.58 12.58
N TYR A 33 -32.53 6.70 13.04
CA TYR A 33 -31.91 5.68 13.87
C TYR A 33 -32.10 6.14 15.30
N LYS A 34 -32.42 5.19 16.18
CA LYS A 34 -32.83 5.46 17.56
C LYS A 34 -31.80 6.24 18.31
N THR A 35 -30.54 5.87 18.10
CA THR A 35 -29.41 6.55 18.72
C THR A 35 -29.17 7.93 18.07
N GLY A 36 -29.72 8.14 16.88
CA GLY A 36 -29.54 9.37 16.10
C GLY A 36 -28.41 9.25 15.09
N TRP A 37 -27.76 8.08 15.03
CA TRP A 37 -26.52 7.88 14.26
C TRP A 37 -26.51 6.52 13.56
N LEU A 38 -26.07 6.53 12.30
CA LEU A 38 -25.84 5.31 11.51
C LEU A 38 -24.34 4.99 11.51
N VAL A 39 -23.99 3.77 11.90
CA VAL A 39 -22.58 3.33 11.99
C VAL A 39 -22.28 2.38 10.84
N VAL A 40 -21.26 2.69 10.03
CA VAL A 40 -20.80 1.79 8.95
C VAL A 40 -19.30 1.60 9.00
N ALA A 41 -18.88 0.37 8.73
CA ALA A 41 -17.50 -0.04 8.64
C ALA A 41 -17.18 -0.39 7.17
N ILE A 42 -16.02 0.11 6.70
CA ILE A 42 -15.65 -0.04 5.33
C ILE A 42 -14.18 -0.44 5.11
N PHE A 43 -13.98 -1.45 4.26
CA PHE A 43 -12.68 -1.83 3.78
C PHE A 43 -12.58 -1.44 2.32
N SER A 44 -11.52 -0.72 1.97
CA SER A 44 -11.42 0.02 0.70
C SER A 44 -10.01 -0.05 0.17
N VAL A 45 -9.87 -0.29 -1.12
CA VAL A 45 -8.60 -0.23 -1.81
C VAL A 45 -8.85 0.50 -3.14
N THR A 46 -8.17 1.61 -3.36
CA THR A 46 -8.38 2.41 -4.59
C THR A 46 -7.11 2.39 -5.41
N VAL A 47 -7.26 2.19 -6.71
CA VAL A 47 -6.11 2.13 -7.63
C VAL A 47 -6.41 2.82 -8.93
N ASP A 48 -5.37 3.12 -9.68
CA ASP A 48 -5.53 3.59 -11.05
C ASP A 48 -6.26 2.58 -11.90
N LYS A 49 -7.08 3.07 -12.83
CA LYS A 49 -7.91 2.20 -13.66
C LYS A 49 -7.12 1.20 -14.48
N LYS A 50 -5.84 1.49 -14.75
CA LYS A 50 -4.98 0.48 -15.41
C LYS A 50 -4.74 -0.80 -14.59
N ASP A 51 -5.01 -0.73 -13.29
CA ASP A 51 -4.94 -1.87 -12.40
C ASP A 51 -6.30 -2.42 -12.02
N LEU A 52 -7.32 -2.14 -12.82
CA LEU A 52 -8.64 -2.64 -12.52
C LEU A 52 -8.65 -4.16 -12.43
N PHE A 53 -7.97 -4.80 -13.36
CA PHE A 53 -7.85 -6.27 -13.40
C PHE A 53 -7.34 -6.83 -12.08
N LEU A 54 -6.48 -6.06 -11.42
CA LEU A 54 -6.00 -6.37 -10.11
C LEU A 54 -7.07 -6.29 -9.06
N LEU A 55 -7.92 -5.27 -9.10
CA LEU A 55 -9.06 -5.23 -8.20
C LEU A 55 -9.99 -6.43 -8.44
N GLU A 56 -10.16 -6.83 -9.68
CA GLU A 56 -10.96 -8.04 -9.99
C GLU A 56 -10.37 -9.29 -9.30
N SER A 57 -9.06 -9.51 -9.37
CA SER A 57 -8.42 -10.69 -8.74
C SER A 57 -8.53 -10.62 -7.25
N LEU A 58 -8.51 -9.42 -6.71
CA LEU A 58 -8.70 -9.22 -5.28
C LEU A 58 -10.12 -9.61 -4.82
N LYS A 59 -11.12 -9.17 -5.57
CA LYS A 59 -12.50 -9.53 -5.30
C LYS A 59 -12.68 -11.04 -5.29
N THR A 60 -12.28 -11.69 -6.35
CA THR A 60 -12.17 -13.16 -6.40
C THR A 60 -11.38 -13.81 -5.27
N PHE A 61 -10.26 -13.20 -4.90
CA PHE A 61 -9.52 -13.67 -3.72
C PHE A 61 -10.35 -13.68 -2.45
N PHE A 62 -11.18 -12.63 -2.29
CA PHE A 62 -12.07 -12.54 -1.12
C PHE A 62 -13.49 -13.06 -1.32
N GLY A 63 -13.60 -14.15 -2.07
CA GLY A 63 -14.83 -14.92 -2.18
C GLY A 63 -15.87 -14.30 -3.06
N GLY A 64 -15.43 -13.50 -4.04
CA GLY A 64 -16.34 -12.67 -4.84
C GLY A 64 -17.16 -11.66 -4.06
N LEU A 65 -16.77 -11.31 -2.83
CA LEU A 65 -17.56 -10.34 -2.05
C LEU A 65 -17.18 -8.93 -2.46
N GLY A 66 -18.05 -7.96 -2.26
CA GLY A 66 -17.75 -6.57 -2.52
C GLY A 66 -18.17 -5.97 -3.83
N SER A 67 -17.77 -4.72 -4.02
CA SER A 67 -18.20 -3.94 -5.19
C SER A 67 -17.01 -3.20 -5.76
N ILE A 68 -16.86 -3.17 -7.06
CA ILE A 68 -15.77 -2.43 -7.67
C ILE A 68 -16.41 -1.32 -8.41
N LYS A 69 -16.06 -0.08 -8.05
CA LYS A 69 -16.73 1.07 -8.60
C LYS A 69 -15.82 2.22 -8.91
N LYS A 70 -16.26 3.04 -9.85
CA LYS A 70 -15.53 4.24 -10.21
C LYS A 70 -15.38 5.13 -9.00
N SER A 71 -14.15 5.48 -8.65
CA SER A 71 -13.92 6.32 -7.47
C SER A 71 -13.73 7.73 -7.95
N GLY A 72 -12.68 7.96 -8.75
CA GLY A 72 -12.37 9.28 -9.30
C GLY A 72 -12.28 9.25 -10.82
N ASN A 73 -11.67 10.31 -11.37
CA ASN A 73 -11.44 10.44 -12.79
C ASN A 73 -10.75 9.24 -13.40
N SER A 74 -9.55 8.90 -12.92
CA SER A 74 -8.86 7.69 -13.39
C SER A 74 -8.57 6.66 -12.30
N THR A 75 -9.52 6.40 -11.41
CA THR A 75 -9.37 5.37 -10.40
C THR A 75 -10.67 4.63 -10.13
N PHE A 76 -10.52 3.38 -9.66
CA PHE A 76 -11.61 2.55 -9.19
C PHE A 76 -11.32 2.08 -7.76
N SER A 77 -12.39 1.83 -7.03
CA SER A 77 -12.40 1.39 -5.67
C SER A 77 -12.94 0.01 -5.68
N TYR A 78 -12.33 -0.86 -4.88
CA TYR A 78 -12.93 -2.10 -4.39
C TYR A 78 -13.34 -1.91 -2.96
N ARG A 79 -14.62 -2.12 -2.63
CA ARG A 79 -15.09 -1.91 -1.25
C ARG A 79 -15.99 -3.02 -0.74
N ILE A 80 -15.76 -3.39 0.53
CA ILE A 80 -16.65 -4.25 1.30
C ILE A 80 -17.20 -3.38 2.42
N GLU A 81 -18.50 -3.18 2.45
CA GLU A 81 -19.14 -2.38 3.52
C GLU A 81 -20.27 -3.08 4.25
N SER A 82 -20.37 -4.40 4.06
CA SER A 82 -21.34 -5.18 4.77
C SER A 82 -20.68 -5.75 6.01
N SER A 83 -21.20 -5.29 7.15
CA SER A 83 -20.74 -5.68 8.48
C SER A 83 -20.59 -7.18 8.59
N GLU A 84 -21.65 -7.86 8.16
CA GLU A 84 -21.71 -9.29 8.22
C GLU A 84 -20.58 -9.89 7.38
N GLN A 85 -20.38 -9.34 6.19
CA GLN A 85 -19.35 -9.82 5.26
C GLN A 85 -17.91 -9.56 5.78
N LEU A 86 -17.68 -8.36 6.34
CA LEU A 86 -16.38 -8.04 6.97
C LEU A 86 -15.99 -9.01 8.08
N THR A 87 -16.95 -9.40 8.89
CA THR A 87 -16.73 -10.33 10.03
C THR A 87 -16.47 -11.75 9.57
N LYS A 88 -17.11 -12.16 8.51
CA LYS A 88 -17.11 -13.52 8.08
C LYS A 88 -15.82 -13.85 7.34
N ILE A 89 -15.28 -12.92 6.52
CA ILE A 89 -14.04 -13.21 5.76
C ILE A 89 -12.84 -12.28 5.99
N ILE A 90 -13.04 -10.97 5.92
CA ILE A 90 -11.98 -9.98 6.12
C ILE A 90 -11.29 -10.10 7.48
N LEU A 91 -12.02 -10.12 8.58
CA LEU A 91 -11.38 -10.29 9.90
C LEU A 91 -10.62 -11.56 10.06
N PRO A 92 -11.22 -12.71 9.73
CA PRO A 92 -10.39 -13.92 9.86
C PRO A 92 -9.13 -13.89 8.96
N PHE A 93 -9.20 -13.26 7.80
CA PHE A 93 -8.00 -13.18 6.96
C PHE A 93 -6.87 -12.41 7.65
N PHE A 94 -7.16 -11.20 8.07
CA PHE A 94 -6.14 -10.31 8.68
C PHE A 94 -5.76 -10.68 10.09
N ASP A 95 -6.61 -11.43 10.80
CA ASP A 95 -6.18 -12.06 12.06
C ASP A 95 -5.12 -13.14 11.87
N LYS A 96 -5.22 -13.91 10.80
CA LYS A 96 -4.21 -14.89 10.47
C LYS A 96 -2.95 -14.28 9.78
N TYR A 97 -3.13 -13.34 8.85
CA TYR A 97 -2.04 -12.75 8.05
C TYR A 97 -2.01 -11.26 8.39
N SER A 98 -1.20 -10.90 9.37
CA SER A 98 -1.31 -9.56 9.95
C SER A 98 -0.52 -8.46 9.22
N LEU A 99 -1.18 -7.34 9.05
CA LEU A 99 -0.56 -6.14 8.58
C LEU A 99 0.63 -5.80 9.50
N ILE A 100 1.63 -5.11 8.94
CA ILE A 100 2.78 -4.64 9.72
C ILE A 100 3.04 -3.12 9.76
N THR A 101 2.45 -2.34 8.84
CA THR A 101 2.58 -0.87 8.89
C THR A 101 1.64 -0.34 9.92
N GLU A 102 1.57 1.00 10.01
CA GLU A 102 0.61 1.68 10.91
C GLU A 102 -0.83 1.34 10.54
N ALA A 103 -1.07 1.02 9.28
CA ALA A 103 -2.37 0.44 8.92
C ALA A 103 -2.84 -0.69 9.89
N LEU A 104 -1.92 -1.41 10.53
CA LEU A 104 -2.30 -2.38 11.56
C LEU A 104 -3.13 -1.80 12.69
N GLY A 105 -2.73 -0.62 13.17
CA GLY A 105 -3.43 0.07 14.23
C GLY A 105 -4.82 0.41 13.80
N ASP A 106 -5.00 0.97 12.61
CA ASP A 106 -6.36 1.24 12.15
C ASP A 106 -7.18 -0.07 12.06
N TYR A 107 -6.56 -1.12 11.52
CA TYR A 107 -7.22 -2.44 11.47
C TYR A 107 -7.73 -2.92 12.80
N LEU A 108 -6.93 -2.85 13.86
CA LEU A 108 -7.33 -3.45 15.16
C LEU A 108 -8.51 -2.67 15.79
N LEU A 109 -8.49 -1.34 15.66
CA LEU A 109 -9.62 -0.50 16.03
C LEU A 109 -10.87 -0.83 15.22
N PHE A 110 -10.72 -0.81 13.90
CA PHE A 110 -11.80 -1.21 12.98
C PHE A 110 -12.36 -2.57 13.36
N LYS A 111 -11.48 -3.52 13.67
CA LYS A 111 -11.94 -4.82 14.16
C LYS A 111 -12.82 -4.72 15.42
N LYS A 112 -12.40 -3.95 16.42
CA LYS A 112 -13.20 -3.72 17.66
C LYS A 112 -14.60 -3.13 17.40
N VAL A 113 -14.71 -2.09 16.56
CA VAL A 113 -16.06 -1.62 16.17
C VAL A 113 -16.90 -2.74 15.54
N LEU A 114 -16.32 -3.55 14.64
CA LEU A 114 -17.02 -4.72 14.11
C LEU A 114 -17.45 -5.72 15.18
N GLU A 115 -16.64 -5.91 16.22
CA GLU A 115 -17.02 -6.85 17.32
C GLU A 115 -18.27 -6.29 17.98
N LEU A 116 -18.28 -4.96 18.17
CA LEU A 116 -19.42 -4.25 18.79
C LEU A 116 -20.67 -4.28 17.92
N MET A 117 -20.47 -4.07 16.62
CA MET A 117 -21.56 -4.17 15.66
C MET A 117 -22.12 -5.58 15.58
N GLY A 118 -21.27 -6.58 15.75
CA GLY A 118 -21.69 -8.00 15.67
C GLY A 118 -22.75 -8.36 16.70
N THR A 119 -22.59 -7.86 17.92
CA THR A 119 -23.58 -8.01 19.00
C THR A 119 -24.59 -6.85 19.08
N LYS A 120 -24.70 -6.06 18.01
CA LYS A 120 -25.70 -4.98 17.86
C LYS A 120 -25.59 -3.86 18.91
N GLU A 121 -24.44 -3.75 19.56
CA GLU A 121 -24.26 -2.71 20.56
C GLU A 121 -24.18 -1.30 19.97
N HIS A 122 -23.80 -1.17 18.71
CA HIS A 122 -23.91 0.11 18.01
C HIS A 122 -25.33 0.70 17.98
N LEU A 123 -26.34 -0.15 18.16
CA LEU A 123 -27.74 0.32 18.21
C LEU A 123 -28.11 0.75 19.61
N THR A 124 -27.10 0.99 20.43
CA THR A 124 -27.20 1.24 21.87
C THR A 124 -26.40 2.51 22.13
N GLN A 125 -26.89 3.34 23.04
CA GLN A 125 -26.22 4.61 23.34
C GLN A 125 -24.75 4.47 23.84
N ARG A 126 -24.49 3.50 24.70
CA ARG A 126 -23.15 3.28 25.26
C ARG A 126 -22.19 2.62 24.23
N GLY A 127 -22.67 1.57 23.57
CA GLY A 127 -22.14 1.06 22.32
C GLY A 127 -21.70 2.12 21.31
N LEU A 128 -22.54 3.10 21.01
CA LEU A 128 -22.21 4.14 20.03
C LEU A 128 -21.06 5.00 20.53
N GLU A 129 -21.10 5.36 21.81
CA GLU A 129 -20.07 6.19 22.42
C GLU A 129 -18.68 5.49 22.35
N LYS A 130 -18.68 4.20 22.62
CA LYS A 130 -17.47 3.40 22.56
C LYS A 130 -16.93 3.37 21.10
N ILE A 131 -17.83 3.15 20.13
CA ILE A 131 -17.47 3.23 18.68
C ILE A 131 -16.86 4.57 18.27
N VAL A 132 -17.47 5.64 18.75
CA VAL A 132 -16.94 6.98 18.47
C VAL A 132 -15.55 7.16 19.11
N SER A 133 -15.35 6.63 20.32
CA SER A 133 -13.99 6.63 20.93
C SER A 133 -12.98 5.89 20.04
N LEU A 134 -13.40 4.75 19.47
CA LEU A 134 -12.57 3.99 18.51
C LEU A 134 -12.33 4.82 17.26
N LYS A 135 -13.37 5.41 16.70
CA LYS A 135 -13.19 6.12 15.45
C LYS A 135 -12.18 7.23 15.60
N ALA A 136 -12.12 7.79 16.80
CA ALA A 136 -11.26 8.94 17.04
C ALA A 136 -9.74 8.69 16.85
N SER A 137 -9.31 7.43 16.97
CA SER A 137 -7.91 7.02 16.83
C SER A 137 -7.62 6.33 15.49
N ILE A 138 -8.63 6.25 14.62
CA ILE A 138 -8.56 5.62 13.31
C ILE A 138 -8.33 6.74 12.31
N ASN A 139 -7.33 6.58 11.46
CA ASN A 139 -7.12 7.49 10.34
C ASN A 139 -7.12 8.95 10.81
N LYS A 140 -7.86 9.87 10.18
CA LYS A 140 -7.81 11.28 10.57
C LYS A 140 -8.73 11.60 11.76
N GLY A 141 -9.36 10.57 12.34
CA GLY A 141 -10.13 10.74 13.58
C GLY A 141 -11.44 11.50 13.37
N LEU A 142 -11.91 12.15 14.44
CA LEU A 142 -13.27 12.67 14.46
C LEU A 142 -13.40 13.89 13.58
N SER A 143 -14.43 13.85 12.74
CA SER A 143 -15.00 15.02 12.07
C SER A 143 -15.35 16.12 13.09
N GLU A 144 -15.61 17.33 12.59
CA GLU A 144 -16.01 18.45 13.46
C GLU A 144 -17.39 18.20 14.01
N GLU A 145 -18.29 17.73 13.15
CA GLU A 145 -19.63 17.39 13.57
C GLU A 145 -19.70 16.27 14.63
N LEU A 146 -18.83 15.26 14.55
CA LEU A 146 -18.81 14.18 15.55
C LEU A 146 -18.17 14.61 16.88
N GLN A 147 -17.12 15.40 16.78
CA GLN A 147 -16.44 15.93 17.96
C GLN A 147 -17.45 16.81 18.74
N ALA A 148 -18.19 17.68 18.05
CA ALA A 148 -19.27 18.49 18.68
C ALA A 148 -20.37 17.62 19.27
N ALA A 149 -20.73 16.54 18.61
CA ALA A 149 -21.77 15.66 19.10
C ALA A 149 -21.35 14.78 20.26
N PHE A 150 -20.05 14.53 20.44
CA PHE A 150 -19.59 13.70 21.57
C PHE A 150 -18.34 14.32 22.18
N PRO A 151 -18.45 15.56 22.67
CA PRO A 151 -17.25 16.27 23.15
C PRO A 151 -16.68 15.73 24.47
N GLN A 152 -17.35 14.73 25.04
CA GLN A 152 -16.96 14.07 26.28
C GLN A 152 -15.97 12.93 26.04
N CYS A 153 -15.92 12.44 24.81
CA CYS A 153 -15.37 11.11 24.52
C CYS A 153 -13.82 11.08 24.55
N VAL A 154 -13.27 10.11 25.27
CA VAL A 154 -11.82 9.91 25.34
C VAL A 154 -11.36 8.94 24.23
N PRO A 155 -10.53 9.41 23.27
CA PRO A 155 -10.04 8.46 22.26
C PRO A 155 -9.47 7.18 22.90
N THR A 156 -9.76 6.02 22.32
CA THR A 156 -9.22 4.80 22.88
C THR A 156 -7.74 4.81 22.47
N PRO A 157 -6.86 4.34 23.36
CA PRO A 157 -5.44 4.48 23.02
C PRO A 157 -5.09 3.78 21.69
N ARG A 158 -4.35 4.46 20.80
CA ARG A 158 -3.97 3.85 19.54
C ARG A 158 -3.04 2.67 19.90
N PRO A 159 -3.34 1.44 19.41
CA PRO A 159 -2.65 0.28 19.99
C PRO A 159 -1.13 0.34 19.98
N GLU A 160 -0.55 0.59 18.80
CA GLU A 160 0.88 0.70 18.60
C GLU A 160 1.68 -0.56 19.00
N ILE A 161 2.09 -1.28 17.98
CA ILE A 161 2.78 -2.55 18.11
C ILE A 161 4.26 -2.38 18.45
N ASN A 162 5.05 -3.43 18.29
CA ASN A 162 6.51 -3.35 18.52
C ASN A 162 7.26 -3.81 17.27
N ASN A 163 8.47 -4.34 17.42
CA ASN A 163 9.31 -4.72 16.30
C ASN A 163 8.54 -5.52 15.24
N LYS A 164 8.20 -4.85 14.13
CA LYS A 164 7.38 -5.46 13.11
C LYS A 164 8.20 -5.83 11.96
N ASN A 165 8.13 -7.05 11.75
CA ASN A 165 9.25 -7.60 11.27
C ASN A 165 8.64 -8.20 9.99
N ILE A 166 9.38 -8.20 8.86
CA ILE A 166 8.75 -8.60 7.53
C ILE A 166 8.40 -10.10 7.49
N PRO A 167 7.10 -10.45 7.40
CA PRO A 167 6.64 -11.80 7.74
C PRO A 167 6.88 -12.87 6.68
N ASP A 168 7.13 -12.44 5.45
CA ASP A 168 7.29 -13.33 4.31
C ASP A 168 7.78 -12.48 3.13
N PRO A 169 8.62 -13.05 2.26
CA PRO A 169 9.04 -12.34 1.07
C PRO A 169 7.92 -11.85 0.19
N PHE A 170 6.81 -12.59 0.14
CA PHE A 170 5.70 -12.11 -0.67
C PHE A 170 5.07 -10.85 -0.13
N TRP A 171 5.15 -10.63 1.17
CA TRP A 171 4.65 -9.38 1.75
C TRP A 171 5.31 -8.18 1.05
N LEU A 172 6.61 -8.29 0.90
CA LEU A 172 7.41 -7.24 0.30
C LEU A 172 7.02 -7.03 -1.14
N ALA A 173 6.87 -8.15 -1.85
CA ALA A 173 6.35 -8.12 -3.18
C ALA A 173 5.06 -7.30 -3.28
N GLY A 174 4.12 -7.54 -2.39
CA GLY A 174 2.85 -6.82 -2.46
C GLY A 174 3.01 -5.37 -2.10
N PHE A 175 3.83 -5.10 -1.10
CA PHE A 175 4.00 -3.77 -0.59
C PHE A 175 4.58 -2.85 -1.65
N VAL A 176 5.63 -3.33 -2.31
CA VAL A 176 6.29 -2.56 -3.36
CA VAL A 176 6.31 -2.62 -3.38
C VAL A 176 5.40 -2.43 -4.58
N SER A 177 4.55 -3.44 -4.85
CA SER A 177 3.58 -3.30 -5.94
C SER A 177 2.64 -2.11 -5.73
N GLY A 178 2.46 -1.67 -4.49
CA GLY A 178 1.65 -0.55 -4.15
C GLY A 178 2.38 0.78 -3.98
N ASP A 179 3.38 0.80 -3.12
CA ASP A 179 4.12 2.02 -2.79
C ASP A 179 5.59 2.13 -3.26
N GLY A 180 6.07 1.16 -4.05
CA GLY A 180 7.40 1.20 -4.62
C GLY A 180 7.49 1.69 -6.07
N SER A 181 8.72 1.87 -6.55
CA SER A 181 8.93 2.21 -7.94
C SER A 181 10.28 1.83 -8.45
N PHE A 182 10.26 1.47 -9.72
CA PHE A 182 11.44 1.08 -10.41
C PHE A 182 11.71 2.24 -11.33
N LYS A 183 12.72 3.03 -11.02
CA LYS A 183 12.98 4.30 -11.75
C LYS A 183 14.11 4.07 -12.75
N SER A 184 13.93 4.58 -13.97
CA SER A 184 15.02 4.80 -14.93
C SER A 184 15.25 6.32 -15.10
N ILE A 185 16.48 6.77 -14.83
CA ILE A 185 16.86 8.14 -15.09
C ILE A 185 17.97 8.26 -16.14
N LEU A 186 17.88 9.38 -16.87
CA LEU A 186 18.90 9.85 -17.77
C LEU A 186 19.33 11.20 -17.26
N LYS A 187 20.49 11.20 -16.63
CA LYS A 187 21.16 12.38 -16.13
C LYS A 187 22.15 12.91 -17.18
N LYS A 188 22.11 14.22 -17.42
CA LYS A 188 23.07 14.89 -18.29
C LYS A 188 24.41 14.91 -17.61
N SER A 189 25.43 14.49 -18.35
CA SER A 189 26.79 14.31 -17.87
C SER A 189 27.77 14.95 -18.89
N GLU A 190 28.86 15.56 -18.43
CA GLU A 190 29.93 16.08 -19.32
C GLU A 190 31.09 15.12 -19.48
N SER A 191 31.15 14.08 -18.66
CA SER A 191 32.23 13.14 -18.75
C SER A 191 31.85 11.96 -19.62
N ILE A 192 30.59 11.56 -19.63
CA ILE A 192 30.18 10.41 -20.45
C ILE A 192 30.13 10.84 -21.91
N LYS A 193 30.69 10.02 -22.82
CA LYS A 193 30.87 10.37 -24.24
C LYS A 193 29.54 10.65 -24.87
N VAL A 194 28.62 9.77 -24.53
CA VAL A 194 27.28 9.74 -25.04
C VAL A 194 26.41 10.82 -24.36
N GLY A 195 26.92 11.50 -23.34
CA GLY A 195 26.26 12.73 -22.84
C GLY A 195 25.25 12.55 -21.72
N PHE A 196 24.84 11.31 -21.42
CA PHE A 196 23.86 11.00 -20.36
C PHE A 196 24.31 9.75 -19.57
N GLN A 197 24.22 9.82 -18.26
CA GLN A 197 24.31 8.71 -17.40
C GLN A 197 22.96 8.01 -17.27
N SER A 198 22.92 6.73 -17.59
CA SER A 198 21.77 5.85 -17.34
C SER A 198 21.91 5.34 -15.92
N ILE A 199 20.89 5.63 -15.11
CA ILE A 199 20.90 5.26 -13.74
C ILE A 199 19.62 4.50 -13.52
N LEU A 200 19.72 3.36 -12.85
CA LEU A 200 18.54 2.66 -12.36
C LEU A 200 18.38 2.83 -10.88
N VAL A 201 17.17 3.15 -10.42
CA VAL A 201 16.92 3.29 -8.99
C VAL A 201 15.67 2.46 -8.60
N PHE A 202 15.80 1.66 -7.54
CA PHE A 202 14.65 0.98 -6.94
C PHE A 202 14.34 1.85 -5.72
N GLN A 203 13.07 2.17 -5.48
CA GLN A 203 12.74 3.03 -4.37
C GLN A 203 11.42 2.66 -3.73
N ILE A 204 11.31 2.85 -2.42
CA ILE A 204 10.00 2.69 -1.79
C ILE A 204 9.71 3.94 -0.98
N THR A 205 8.49 4.44 -1.03
CA THR A 205 8.12 5.66 -0.35
C THR A 205 7.15 5.33 0.73
N GLN A 206 7.34 5.90 1.92
CA GLN A 206 6.34 5.77 2.97
C GLN A 206 6.43 6.91 3.95
N HIS A 207 5.30 7.23 4.60
CA HIS A 207 5.20 8.21 5.68
C HIS A 207 6.14 7.85 6.83
N ALA A 208 6.78 8.87 7.38
CA ALA A 208 7.82 8.74 8.44
C ALA A 208 7.44 7.96 9.66
N ARG A 209 6.17 7.97 10.01
CA ARG A 209 5.65 7.15 11.10
C ARG A 209 6.07 5.67 10.99
N ASP A 210 6.39 5.18 9.77
CA ASP A 210 6.94 3.82 9.60
C ASP A 210 8.45 3.72 9.32
N VAL A 211 9.20 4.66 9.88
CA VAL A 211 10.66 4.63 9.88
C VAL A 211 11.27 3.28 10.27
N LYS A 212 10.74 2.64 11.29
CA LYS A 212 11.33 1.38 11.74
C LYS A 212 11.28 0.32 10.67
N LEU A 213 10.11 0.16 10.08
CA LEU A 213 9.97 -0.83 9.01
C LEU A 213 10.88 -0.49 7.83
N MET A 214 10.89 0.77 7.49
CA MET A 214 11.67 1.29 6.37
C MET A 214 13.14 1.01 6.61
N GLU A 215 13.60 1.19 7.85
CA GLU A 215 15.01 0.94 8.21
C GLU A 215 15.37 -0.57 8.13
N SER A 216 14.45 -1.44 8.48
CA SER A 216 14.70 -2.89 8.44
C SER A 216 14.77 -3.50 7.00
N LEU A 217 14.31 -2.74 6.01
CA LEU A 217 14.50 -3.12 4.61
C LEU A 217 15.97 -3.16 4.21
N ILE A 218 16.78 -2.30 4.82
CA ILE A 218 18.23 -2.32 4.62
C ILE A 218 18.84 -3.67 5.06
N SER A 219 18.41 -4.24 6.18
CA SER A 219 18.88 -5.60 6.61
C SER A 219 18.28 -6.69 5.73
N TYR A 220 16.96 -6.62 5.58
CA TYR A 220 16.21 -7.62 4.83
C TYR A 220 16.72 -7.86 3.40
N LEU A 221 17.03 -6.78 2.70
CA LEU A 221 17.52 -6.88 1.32
C LEU A 221 19.05 -6.85 1.18
N GLY A 222 19.75 -6.43 2.23
CA GLY A 222 21.25 -6.39 2.24
C GLY A 222 21.83 -5.22 1.43
N CYS A 223 21.04 -4.17 1.22
CA CYS A 223 21.48 -2.98 0.49
C CYS A 223 20.53 -1.80 0.75
N GLY A 224 20.94 -0.62 0.30
CA GLY A 224 20.09 0.56 0.25
C GLY A 224 20.29 1.48 1.39
N PHE A 225 19.57 2.59 1.36
CA PHE A 225 19.64 3.54 2.47
C PHE A 225 18.35 4.32 2.51
N ILE A 226 18.14 4.99 3.63
CA ILE A 226 16.95 5.75 3.86
C ILE A 226 17.28 7.24 3.67
N GLU A 227 16.37 8.00 3.09
CA GLU A 227 16.45 9.45 3.14
C GLU A 227 15.10 10.09 3.45
N LYS A 228 15.15 11.30 3.98
CA LYS A 228 13.96 12.03 4.28
C LYS A 228 13.72 13.05 3.17
N ASP A 229 12.46 13.22 2.78
CA ASP A 229 12.01 14.34 1.93
C ASP A 229 11.96 15.65 2.73
N SER A 230 12.82 16.59 2.38
CA SER A 230 12.91 17.85 3.10
C SER A 230 11.54 18.58 3.16
N ARG A 231 10.65 18.31 2.21
CA ARG A 231 9.35 18.97 2.15
C ARG A 231 8.28 18.41 3.12
N GLY A 232 8.62 17.42 3.98
CA GLY A 232 7.61 16.86 4.88
C GLY A 232 7.92 15.48 5.46
N PRO A 233 6.97 14.88 6.21
CA PRO A 233 7.27 13.62 6.86
C PRO A 233 7.05 12.46 5.87
N TRP A 234 8.11 11.97 5.25
CA TRP A 234 8.03 11.11 4.05
C TRP A 234 9.45 10.65 3.77
N LEU A 235 9.61 9.34 3.73
CA LEU A 235 10.90 8.66 3.68
C LEU A 235 10.99 7.84 2.42
N TYR A 236 12.21 7.68 1.92
CA TYR A 236 12.48 6.90 0.76
C TYR A 236 13.47 5.88 1.18
N TYR A 237 13.19 4.61 0.93
CA TYR A 237 14.21 3.56 0.92
C TYR A 237 14.65 3.47 -0.53
N THR A 238 15.95 3.55 -0.75
CA THR A 238 16.52 3.68 -2.07
C THR A 238 17.72 2.80 -2.27
N VAL A 239 17.77 2.13 -3.43
CA VAL A 239 18.95 1.46 -3.95
C VAL A 239 19.32 2.09 -5.29
N THR A 240 20.55 2.65 -5.36
CA THR A 240 21.17 3.23 -6.56
C THR A 240 22.42 2.42 -7.05
N ASN A 241 22.93 1.57 -6.20
CA ASN A 241 24.16 0.83 -6.53
C ASN A 241 23.83 -0.25 -7.53
N PHE A 242 24.38 -0.15 -8.73
CA PHE A 242 23.98 -1.06 -9.80
C PHE A 242 24.36 -2.53 -9.54
N SER A 243 25.39 -2.78 -8.76
CA SER A 243 25.73 -4.17 -8.35
C SER A 243 24.65 -4.82 -7.41
N ASP A 244 24.08 -3.99 -6.55
CA ASP A 244 22.99 -4.39 -5.66
C ASP A 244 21.72 -4.56 -6.42
N ILE A 245 21.50 -3.73 -7.42
CA ILE A 245 20.34 -3.91 -8.24
C ILE A 245 20.36 -5.24 -8.94
N GLN A 246 21.47 -5.57 -9.59
CA GLN A 246 21.60 -6.84 -10.33
C GLN A 246 21.70 -8.06 -9.45
N GLY A 247 22.43 -7.97 -8.35
CA GLY A 247 22.70 -9.12 -7.46
C GLY A 247 21.61 -9.34 -6.40
N LYS A 248 20.86 -8.29 -6.03
CA LYS A 248 19.88 -8.39 -4.96
C LYS A 248 18.43 -8.12 -5.32
N ILE A 249 18.16 -6.98 -5.96
CA ILE A 249 16.78 -6.52 -6.17
C ILE A 249 16.18 -7.25 -7.34
N ILE A 250 16.89 -7.28 -8.45
CA ILE A 250 16.34 -7.97 -9.63
C ILE A 250 16.06 -9.45 -9.33
N PRO A 251 17.03 -10.18 -8.76
CA PRO A 251 16.72 -11.60 -8.39
C PRO A 251 15.56 -11.77 -7.41
N PHE A 252 15.44 -10.87 -6.43
CA PHE A 252 14.35 -10.95 -5.49
C PHE A 252 13.01 -10.91 -6.16
N PHE A 253 12.75 -9.87 -6.96
CA PHE A 253 11.45 -9.71 -7.62
C PHE A 253 11.27 -10.60 -8.84
N HIS A 254 12.32 -11.27 -9.29
CA HIS A 254 12.15 -12.37 -10.26
C HIS A 254 11.47 -13.59 -9.57
N GLN A 255 11.83 -13.88 -8.32
CA GLN A 255 11.15 -14.93 -7.55
C GLN A 255 9.81 -14.46 -6.97
N TYR A 256 9.78 -13.27 -6.35
CA TYR A 256 8.61 -12.79 -5.62
C TYR A 256 8.02 -11.64 -6.41
N LYS A 257 7.05 -11.97 -7.23
CA LYS A 257 6.67 -11.14 -8.35
C LYS A 257 5.74 -9.97 -8.00
N ILE A 258 6.05 -8.82 -8.58
CA ILE A 258 5.23 -7.62 -8.56
C ILE A 258 3.88 -7.92 -9.17
N ILE A 259 2.83 -7.43 -8.55
CA ILE A 259 1.48 -7.59 -9.05
C ILE A 259 0.99 -6.25 -9.64
N GLY A 260 0.01 -6.31 -10.52
CA GLY A 260 -0.57 -5.11 -11.09
C GLY A 260 0.26 -4.73 -12.30
N SER A 261 -0.06 -3.59 -12.90
CA SER A 261 0.62 -3.14 -14.14
C SER A 261 2.10 -2.77 -13.93
N LYS A 262 2.46 -2.52 -12.68
CA LYS A 262 3.82 -2.33 -12.33
C LYS A 262 4.72 -3.54 -12.64
N TYR A 263 4.16 -4.74 -12.83
CA TYR A 263 4.99 -5.88 -13.27
C TYR A 263 5.65 -5.63 -14.63
N GLY A 264 4.89 -5.03 -15.56
CA GLY A 264 5.43 -4.59 -16.85
C GLY A 264 6.61 -3.63 -16.74
N ASP A 265 6.47 -2.69 -15.83
CA ASP A 265 7.49 -1.73 -15.56
C ASP A 265 8.75 -2.38 -14.99
N TYR A 266 8.62 -3.33 -14.09
CA TYR A 266 9.76 -4.01 -13.55
C TYR A 266 10.45 -4.78 -14.70
N GLN A 267 9.68 -5.36 -15.59
CA GLN A 267 10.21 -6.07 -16.73
C GLN A 267 10.99 -5.17 -17.68
N ASP A 268 10.53 -3.95 -17.87
CA ASP A 268 11.24 -3.01 -18.71
C ASP A 268 12.50 -2.56 -18.01
N TRP A 269 12.41 -2.31 -16.73
CA TRP A 269 13.52 -1.90 -15.91
C TRP A 269 14.57 -2.99 -16.00
N CYS A 270 14.17 -4.24 -15.92
CA CYS A 270 15.14 -5.34 -16.13
C CYS A 270 15.86 -5.35 -17.47
N LYS A 271 15.14 -4.98 -18.53
CA LYS A 271 15.73 -4.90 -19.85
C LYS A 271 16.72 -3.80 -19.87
N ILE A 272 16.44 -2.70 -19.16
CA ILE A 272 17.43 -1.67 -19.07
C ILE A 272 18.66 -2.15 -18.36
N ALA A 273 18.47 -2.94 -17.31
CA ALA A 273 19.61 -3.49 -16.57
C ALA A 273 20.50 -4.40 -17.43
N LEU A 274 19.90 -5.26 -18.26
CA LEU A 274 20.66 -6.02 -19.26
C LEU A 274 21.50 -5.20 -20.25
N ILE A 275 20.93 -4.12 -20.79
CA ILE A 275 21.71 -3.21 -21.66
C ILE A 275 22.88 -2.63 -20.88
N MET A 276 22.64 -2.25 -19.63
CA MET A 276 23.71 -1.74 -18.79
C MET A 276 24.76 -2.82 -18.43
N GLN A 277 24.30 -4.06 -18.20
CA GLN A 277 25.20 -5.20 -17.85
C GLN A 277 26.24 -5.37 -18.93
N ASN A 278 25.75 -5.49 -20.16
CA ASN A 278 26.57 -5.61 -21.36
C ASN A 278 27.27 -4.29 -21.76
N LYS A 279 27.09 -3.20 -21.01
CA LYS A 279 27.83 -1.94 -21.23
C LYS A 279 27.35 -1.22 -22.45
N ASN A 280 26.21 -1.60 -23.00
CA ASN A 280 25.73 -0.98 -24.23
C ASN A 280 25.14 0.40 -24.02
N HIS A 281 24.88 0.74 -22.76
CA HIS A 281 24.36 2.06 -22.39
C HIS A 281 25.28 3.25 -22.62
N LEU A 282 26.55 2.95 -22.86
CA LEU A 282 27.51 3.98 -23.19
C LEU A 282 27.75 4.14 -24.71
N THR A 283 26.92 3.48 -25.57
CA THR A 283 26.88 3.67 -27.03
C THR A 283 25.62 4.49 -27.40
N PRO A 284 25.64 5.16 -28.55
CA PRO A 284 24.39 5.84 -28.93
C PRO A 284 23.16 4.90 -29.09
N GLU A 285 23.37 3.72 -29.63
CA GLU A 285 22.27 2.79 -29.93
C GLU A 285 21.69 2.22 -28.65
N GLY A 286 22.57 1.89 -27.70
CA GLY A 286 22.13 1.36 -26.41
C GLY A 286 21.40 2.47 -25.66
N LEU A 287 21.92 3.68 -25.71
CA LEU A 287 21.22 4.80 -25.07
C LEU A 287 19.83 5.02 -25.64
N ASN A 288 19.67 4.90 -26.96
CA ASN A 288 18.33 5.07 -27.52
C ASN A 288 17.45 3.94 -27.18
N GLU A 289 18.01 2.75 -27.10
CA GLU A 289 17.24 1.58 -26.65
C GLU A 289 16.64 1.82 -25.26
N ILE A 290 17.39 2.48 -24.39
CA ILE A 290 16.94 2.78 -23.01
C ILE A 290 15.90 3.89 -23.02
N ARG A 291 16.18 4.93 -23.80
CA ARG A 291 15.17 6.00 -23.97
C ARG A 291 13.83 5.48 -24.39
N ALA A 292 13.79 4.50 -25.29
CA ALA A 292 12.53 3.97 -25.77
C ALA A 292 11.86 3.06 -24.71
N LEU A 293 12.68 2.25 -24.03
CA LEU A 293 12.19 1.41 -22.88
C LEU A 293 11.74 2.29 -21.71
N LYS A 294 12.52 3.33 -21.49
CA LYS A 294 12.16 4.35 -20.54
C LYS A 294 10.80 5.05 -20.83
N GLY A 295 10.50 5.46 -22.08
CA GLY A 295 9.27 6.20 -22.38
C GLY A 295 8.03 5.34 -22.37
N GLY A 296 8.17 4.03 -22.60
CA GLY A 296 7.01 3.12 -22.64
C GLY A 296 6.49 2.66 -21.28
N MET A 297 7.04 3.22 -20.24
CA MET A 297 7.03 2.57 -18.98
C MET A 297 5.98 3.31 -18.17
N ASN A 298 5.17 2.58 -17.44
CA ASN A 298 4.02 3.15 -16.73
C ASN A 298 2.89 3.54 -17.72
N LYS A 299 2.66 2.76 -18.77
CA LYS A 299 1.64 3.10 -19.80
C LYS A 299 0.38 2.21 -19.90
N GLY A 300 0.47 1.02 -20.52
CA GLY A 300 -0.72 0.19 -20.76
C GLY A 300 -0.58 -0.79 -21.90
#